data_8WTU
#
_entry.id   8WTU
#
_cell.length_a   1.00
_cell.length_b   1.00
_cell.length_c   1.00
_cell.angle_alpha   90.00
_cell.angle_beta   90.00
_cell.angle_gamma   90.00
#
_symmetry.space_group_name_H-M   'P 1'
#
loop_
_entity.id
_entity.type
_entity.pdbx_description
1 polymer 'Sodium-dependent noradrenaline transporter'
2 non-polymer 2-acetamido-2-deoxy-beta-D-glucopyranose
#
_entity_poly.entity_id   1
_entity_poly.type   'polypeptide(L)'
_entity_poly.pdbx_seq_one_letter_code
;DAQPRETWGKKIDFLLSVVGFAVDLANVWRFPYLCYKNGGGAFLIPYTLFLIIAGMPLFYMELALGQYNREGAATVWKIC
PFFKGVGYAVILIALYVGFYYNVIIAWSLYYLFSSFTLNLPWTDCGHTWNSPNCTDPKLLNGSVLGNHTKYSKYKFTPAA
EFYERGVLHLHESSGIHDIGLPQWQLLLCLMVVVIVLYFSLWKGVKTSGKVVWITATLPYFVLFVLLVHGVTLPGASNGI
NAYLHIDFYRLKEATVWIDAATQIFFSLGAGFGVLIAFASYNKFDNNCYRDALLTSSINCITSFVSGFAIFSILGYMAHE
HKVNIEDVATEGAGLVFILYPEAISTLSGSTFWAVVFFVMLLALGLDSSMGGMEAVITGLADDFQVLKRHRKLFTFGVTF
STFLLALFCITKGGIYVLTLLDTFAAGTSILFAVLMEAIGVSWFYGVDRFSNDIQQMMGFRPGLYWRLCWKFVSPAFLLF
VVVVSIINFKPLTYDDYIFPPWANWVGWGIALSSMVLVPIYVIYKFLSTQGSLWERLAYGITPENEHHLVAQRDIRQFQL
QHWLAI
;
_entity_poly.pdbx_strand_id   A
#
loop_
_chem_comp.id
_chem_comp.type
_chem_comp.name
_chem_comp.formula
NAG D-saccharide, beta linking 2-acetamido-2-deoxy-beta-D-glucopyranose 'C8 H15 N O6'
#
# COMPACT_ATOMS: atom_id res chain seq x y z
N SER A 17 14.30 -11.99 13.18
CA SER A 17 12.98 -12.39 13.65
C SER A 17 12.17 -11.19 14.12
N VAL A 18 12.62 -10.00 13.72
CA VAL A 18 11.94 -8.75 14.11
C VAL A 18 11.51 -8.03 12.84
N VAL A 19 11.95 -8.53 11.70
CA VAL A 19 11.62 -7.94 10.40
C VAL A 19 10.59 -8.78 9.65
N GLY A 20 10.12 -9.86 10.26
CA GLY A 20 9.13 -10.72 9.62
C GLY A 20 7.79 -10.71 10.33
N PHE A 21 7.82 -10.52 11.65
CA PHE A 21 6.60 -10.48 12.45
C PHE A 21 5.97 -9.09 12.49
N ALA A 22 6.58 -8.10 11.86
CA ALA A 22 6.04 -6.75 11.88
C ALA A 22 4.78 -6.66 11.02
N VAL A 23 3.74 -6.06 11.57
CA VAL A 23 2.48 -5.88 10.85
C VAL A 23 2.56 -4.57 10.07
N ASP A 24 1.82 -4.49 8.97
CA ASP A 24 1.79 -3.32 8.13
C ASP A 24 0.44 -2.62 8.26
N LEU A 25 0.45 -1.29 8.05
CA LEU A 25 -0.76 -0.50 8.20
C LEU A 25 -1.82 -0.87 7.18
N ALA A 26 -1.40 -1.35 6.00
CA ALA A 26 -2.35 -1.73 4.96
C ALA A 26 -3.28 -2.85 5.41
N ASN A 27 -2.74 -3.91 6.01
CA ASN A 27 -3.55 -5.03 6.45
C ASN A 27 -4.57 -4.64 7.52
N VAL A 28 -4.37 -3.50 8.18
CA VAL A 28 -5.26 -3.09 9.26
C VAL A 28 -6.29 -2.09 8.74
N TRP A 29 -5.89 -1.24 7.80
CA TRP A 29 -6.75 -0.16 7.34
C TRP A 29 -7.39 -0.40 5.98
N ARG A 30 -6.63 -0.83 4.98
CA ARG A 30 -7.13 -0.91 3.61
C ARG A 30 -7.82 -2.23 3.29
N PHE A 31 -7.30 -3.33 3.83
CA PHE A 31 -7.90 -4.65 3.58
C PHE A 31 -9.35 -4.74 4.05
N PRO A 32 -9.74 -4.25 5.25
CA PRO A 32 -11.13 -4.43 5.70
C PRO A 32 -12.20 -3.93 4.74
N TYR A 33 -12.00 -2.77 4.12
CA TYR A 33 -13.04 -2.23 3.25
C TYR A 33 -12.98 -2.79 1.83
N LEU A 34 -11.82 -3.21 1.37
CA LEU A 34 -11.76 -3.90 0.07
C LEU A 34 -12.37 -5.29 0.18
N CYS A 35 -12.25 -5.93 1.35
CA CYS A 35 -12.92 -7.20 1.56
C CYS A 35 -14.43 -7.03 1.68
N TYR A 36 -14.87 -5.95 2.34
CA TYR A 36 -16.29 -5.70 2.50
C TYR A 36 -16.96 -5.25 1.20
N LYS A 37 -16.23 -4.52 0.34
CA LYS A 37 -16.77 -4.10 -0.94
C LYS A 37 -17.00 -5.27 -1.90
N ASN A 38 -16.11 -6.26 -1.89
CA ASN A 38 -16.19 -7.41 -2.77
C ASN A 38 -16.81 -8.62 -2.09
N GLY A 39 -17.46 -8.41 -0.96
CA GLY A 39 -18.09 -9.48 -0.22
C GLY A 39 -17.10 -10.36 0.51
N GLY A 40 -17.59 -11.10 1.52
CA GLY A 40 -16.75 -11.98 2.28
C GLY A 40 -16.60 -13.35 1.63
N GLY A 41 -15.40 -13.91 1.77
CA GLY A 41 -15.08 -15.22 1.24
C GLY A 41 -14.71 -15.25 -0.24
N ALA A 42 -15.50 -14.57 -1.07
CA ALA A 42 -15.22 -14.52 -2.50
C ALA A 42 -13.99 -13.69 -2.83
N PHE A 43 -13.55 -12.83 -1.92
CA PHE A 43 -12.37 -12.01 -2.12
C PHE A 43 -11.07 -12.71 -1.72
N LEU A 44 -11.16 -13.79 -0.94
CA LEU A 44 -9.97 -14.45 -0.41
C LEU A 44 -9.35 -15.45 -1.38
N ILE A 45 -10.10 -15.98 -2.34
CA ILE A 45 -9.57 -16.96 -3.28
C ILE A 45 -8.64 -16.27 -4.27
N PRO A 46 -9.08 -15.22 -5.00
CA PRO A 46 -8.13 -14.50 -5.85
C PRO A 46 -6.99 -13.89 -5.06
N TYR A 47 -7.26 -13.40 -3.85
CA TYR A 47 -6.22 -12.85 -2.99
C TYR A 47 -5.14 -13.86 -2.66
N THR A 48 -5.50 -15.05 -2.19
CA THR A 48 -4.52 -16.09 -1.89
C THR A 48 -3.80 -16.60 -3.13
N LEU A 49 -4.52 -16.81 -4.25
CA LEU A 49 -3.86 -17.25 -5.47
C LEU A 49 -2.82 -16.25 -5.94
N PHE A 50 -3.20 -14.97 -6.01
CA PHE A 50 -2.24 -13.93 -6.41
C PHE A 50 -1.11 -13.84 -5.41
N LEU A 51 -1.43 -13.87 -4.11
CA LEU A 51 -0.44 -13.85 -3.05
C LEU A 51 0.66 -14.86 -3.35
N ILE A 52 0.31 -16.13 -3.38
CA ILE A 52 1.31 -17.16 -3.64
C ILE A 52 2.02 -16.84 -4.94
N ILE A 53 1.28 -16.94 -6.05
CA ILE A 53 1.85 -17.05 -7.39
C ILE A 53 2.74 -15.87 -7.72
N ALA A 54 2.26 -14.65 -7.49
CA ALA A 54 3.07 -13.49 -7.83
C ALA A 54 3.88 -13.01 -6.65
N GLY A 55 3.24 -12.81 -5.50
CA GLY A 55 3.91 -12.12 -4.41
C GLY A 55 5.12 -12.88 -3.87
N MET A 56 4.99 -14.21 -3.69
CA MET A 56 6.12 -14.86 -3.03
C MET A 56 7.37 -14.83 -3.92
N PRO A 57 7.30 -15.24 -5.19
CA PRO A 57 8.49 -15.12 -6.06
C PRO A 57 8.99 -13.70 -6.19
N LEU A 58 8.09 -12.73 -6.31
CA LEU A 58 8.53 -11.35 -6.51
C LEU A 58 9.10 -10.75 -5.24
N PHE A 59 8.53 -11.08 -4.09
CA PHE A 59 9.11 -10.64 -2.82
C PHE A 59 10.52 -11.21 -2.66
N TYR A 60 10.70 -12.50 -2.96
CA TYR A 60 12.01 -13.12 -2.85
C TYR A 60 13.00 -12.49 -3.83
N MET A 61 12.54 -12.21 -5.06
CA MET A 61 13.39 -11.58 -6.07
C MET A 61 13.83 -10.19 -5.63
N GLU A 62 12.91 -9.40 -5.10
CA GLU A 62 13.27 -8.05 -4.66
C GLU A 62 14.20 -8.09 -3.46
N LEU A 63 14.01 -9.05 -2.56
CA LEU A 63 14.94 -9.20 -1.44
C LEU A 63 16.34 -9.58 -1.93
N ALA A 64 16.42 -10.49 -2.90
CA ALA A 64 17.73 -10.94 -3.39
C ALA A 64 18.43 -9.92 -4.27
N LEU A 65 17.68 -9.07 -4.97
CA LEU A 65 18.30 -8.11 -5.88
C LEU A 65 19.08 -7.02 -5.14
N GLY A 66 18.53 -6.47 -4.07
CA GLY A 66 19.18 -5.39 -3.37
C GLY A 66 20.34 -5.83 -2.49
N GLN A 67 20.29 -7.08 -2.03
CA GLN A 67 21.34 -7.57 -1.13
C GLN A 67 22.63 -7.87 -1.89
N TYR A 68 22.56 -8.19 -3.17
CA TYR A 68 23.73 -8.52 -3.94
C TYR A 68 24.42 -7.30 -4.55
N ASN A 69 23.64 -6.33 -5.02
CA ASN A 69 24.20 -5.17 -5.71
C ASN A 69 24.54 -4.01 -4.77
N ARG A 70 24.01 -4.03 -3.53
CA ARG A 70 24.25 -2.95 -2.56
C ARG A 70 23.87 -1.59 -3.12
N GLU A 71 22.73 -1.53 -3.81
CA GLU A 71 22.29 -0.29 -4.45
C GLU A 71 20.82 -0.06 -4.10
N GLY A 72 20.36 1.16 -4.38
CA GLY A 72 18.98 1.53 -4.14
C GLY A 72 18.09 1.14 -5.30
N ALA A 73 16.87 1.68 -5.28
CA ALA A 73 15.89 1.35 -6.31
C ALA A 73 16.34 1.84 -7.68
N ALA A 74 16.93 3.04 -7.73
CA ALA A 74 17.31 3.62 -9.02
C ALA A 74 18.64 3.10 -9.53
N THR A 75 19.63 2.98 -8.66
CA THR A 75 20.98 2.61 -9.07
C THR A 75 21.21 1.11 -9.14
N VAL A 76 20.20 0.29 -8.82
CA VAL A 76 20.35 -1.15 -8.99
C VAL A 76 20.37 -1.55 -10.46
N TRP A 77 19.89 -0.69 -11.35
CA TRP A 77 19.82 -1.00 -12.78
C TRP A 77 21.13 -0.65 -13.48
N LYS A 78 22.25 -1.13 -12.92
CA LYS A 78 23.53 -1.11 -13.61
C LYS A 78 23.79 -2.42 -14.32
N ILE A 79 22.86 -3.37 -14.23
CA ILE A 79 22.92 -4.63 -14.96
C ILE A 79 22.20 -4.56 -16.30
N CYS A 80 21.33 -3.58 -16.48
CA CYS A 80 20.64 -3.34 -17.75
C CYS A 80 20.22 -1.86 -17.79
N PRO A 81 21.03 -1.00 -18.42
CA PRO A 81 20.80 0.45 -18.32
C PRO A 81 19.49 0.95 -18.91
N PHE A 82 18.80 0.14 -19.72
CA PHE A 82 17.52 0.55 -20.30
C PHE A 82 16.36 0.51 -19.32
N PHE A 83 16.56 0.01 -18.10
CA PHE A 83 15.45 -0.19 -17.17
C PHE A 83 15.52 0.74 -15.95
N LYS A 84 16.27 1.85 -16.05
CA LYS A 84 16.29 2.82 -14.95
C LYS A 84 14.99 3.60 -14.84
N GLY A 85 14.20 3.66 -15.92
CA GLY A 85 12.91 4.30 -15.84
C GLY A 85 11.97 3.63 -14.87
N VAL A 86 12.09 2.30 -14.72
CA VAL A 86 11.28 1.59 -13.74
C VAL A 86 11.64 2.01 -12.32
N GLY A 87 12.94 2.16 -12.05
CA GLY A 87 13.39 2.62 -10.75
C GLY A 87 12.96 4.04 -10.46
N TYR A 88 12.92 4.87 -11.51
CA TYR A 88 12.37 6.22 -11.33
C TYR A 88 10.87 6.19 -11.06
N ALA A 89 10.13 5.34 -11.78
CA ALA A 89 8.69 5.25 -11.61
C ALA A 89 8.27 4.74 -10.25
N VAL A 90 8.97 3.74 -9.71
CA VAL A 90 8.63 3.25 -8.38
C VAL A 90 8.89 4.30 -7.31
N ILE A 91 9.96 5.08 -7.44
CA ILE A 91 10.20 6.20 -6.55
C ILE A 91 9.10 7.27 -6.67
N LEU A 92 8.65 7.57 -7.89
CA LEU A 92 7.55 8.52 -8.05
C LEU A 92 6.27 8.01 -7.40
N ILE A 93 5.97 6.71 -7.55
CA ILE A 93 4.78 6.14 -6.93
C ILE A 93 4.88 6.20 -5.41
N ALA A 94 6.06 5.90 -4.86
CA ALA A 94 6.25 5.99 -3.41
C ALA A 94 6.05 7.42 -2.91
N LEU A 95 6.48 8.41 -3.68
CA LEU A 95 6.22 9.80 -3.33
C LEU A 95 4.73 10.11 -3.36
N TYR A 96 4.03 9.62 -4.39
CA TYR A 96 2.60 9.88 -4.50
C TYR A 96 1.81 9.30 -3.33
N VAL A 97 2.12 8.07 -2.94
CA VAL A 97 1.34 7.40 -1.90
C VAL A 97 1.58 8.01 -0.51
N GLY A 98 2.77 8.53 -0.25
CA GLY A 98 3.06 9.17 1.02
C GLY A 98 2.30 10.46 1.20
N PHE A 99 1.77 11.00 0.10
CA PHE A 99 0.94 12.20 0.19
C PHE A 99 -0.33 11.94 0.99
N TYR A 100 -0.92 10.75 0.87
CA TYR A 100 -2.16 10.45 1.56
C TYR A 100 -2.04 9.41 2.65
N TYR A 101 -0.87 8.78 2.84
CA TYR A 101 -0.67 8.09 4.12
C TYR A 101 -0.55 9.05 5.31
N ASN A 102 -0.26 10.32 5.11
CA ASN A 102 -0.17 11.25 6.22
C ASN A 102 -1.53 11.65 6.79
N VAL A 103 -2.56 11.74 5.95
CA VAL A 103 -3.90 12.09 6.41
C VAL A 103 -4.49 11.03 7.34
N ILE A 104 -4.22 9.75 7.09
CA ILE A 104 -4.67 8.70 7.99
C ILE A 104 -4.04 8.85 9.36
N ILE A 105 -2.74 9.15 9.42
CA ILE A 105 -2.08 9.36 10.71
C ILE A 105 -2.65 10.59 11.40
N ALA A 106 -2.98 11.63 10.64
CA ALA A 106 -3.61 12.81 11.23
C ALA A 106 -4.97 12.46 11.84
N TRP A 107 -5.75 11.65 11.12
CA TRP A 107 -7.04 11.20 11.65
C TRP A 107 -6.85 10.38 12.93
N SER A 108 -5.84 9.50 12.93
CA SER A 108 -5.58 8.69 14.12
C SER A 108 -5.19 9.56 15.31
N LEU A 109 -4.38 10.58 15.08
CA LEU A 109 -3.99 11.48 16.17
C LEU A 109 -5.20 12.26 16.69
N TYR A 110 -6.05 12.73 15.78
CA TYR A 110 -7.26 13.44 16.19
C TYR A 110 -8.17 12.53 17.02
N TYR A 111 -8.31 11.27 16.60
CA TYR A 111 -9.13 10.32 17.36
C TYR A 111 -8.52 9.99 18.71
N LEU A 112 -7.19 9.89 18.79
CA LEU A 112 -6.51 9.66 20.06
C LEU A 112 -6.69 10.83 21.03
N PHE A 113 -6.60 12.07 20.55
CA PHE A 113 -6.84 13.23 21.41
C PHE A 113 -8.29 13.36 21.86
N SER A 114 -9.23 12.68 21.20
CA SER A 114 -10.64 12.75 21.60
C SER A 114 -11.02 11.66 22.60
N SER A 115 -10.12 10.75 22.92
CA SER A 115 -10.42 9.62 23.79
C SER A 115 -10.09 9.87 25.26
N PHE A 116 -9.64 11.07 25.60
CA PHE A 116 -9.23 11.37 26.98
C PHE A 116 -10.41 11.95 27.76
N THR A 117 -11.49 11.16 27.81
CA THR A 117 -12.69 11.54 28.53
C THR A 117 -13.48 10.28 28.85
N LEU A 118 -14.39 10.41 29.82
CA LEU A 118 -15.23 9.29 30.23
C LEU A 118 -16.50 9.16 29.41
N ASN A 119 -16.76 10.10 28.50
CA ASN A 119 -17.94 10.07 27.63
C ASN A 119 -17.45 10.21 26.19
N LEU A 120 -17.37 9.08 25.48
CA LEU A 120 -16.82 9.09 24.14
C LEU A 120 -17.74 9.86 23.20
N PRO A 121 -17.18 10.67 22.29
CA PRO A 121 -18.03 11.49 21.40
C PRO A 121 -18.88 10.68 20.45
N TRP A 122 -18.52 9.44 20.16
CA TRP A 122 -19.21 8.64 19.14
C TRP A 122 -20.28 7.73 19.73
N THR A 123 -20.67 7.96 20.98
CA THR A 123 -21.68 7.13 21.63
C THR A 123 -23.07 7.76 21.66
N ASP A 124 -23.16 9.08 21.86
CA ASP A 124 -24.43 9.79 21.88
C ASP A 124 -24.53 10.69 20.66
N CYS A 125 -25.71 11.28 20.48
CA CYS A 125 -25.95 12.12 19.31
C CYS A 125 -26.62 13.42 19.72
N GLY A 126 -26.09 14.09 20.74
CA GLY A 126 -26.63 15.37 21.16
C GLY A 126 -25.61 16.49 21.19
N HIS A 127 -24.63 16.42 20.29
CA HIS A 127 -23.56 17.40 20.23
C HIS A 127 -23.89 18.49 19.21
N THR A 128 -22.93 19.37 18.95
CA THR A 128 -23.13 20.48 18.03
C THR A 128 -22.94 20.09 16.57
N TRP A 129 -22.38 18.91 16.28
CA TRP A 129 -22.15 18.44 14.92
C TRP A 129 -23.21 17.45 14.46
N ASN A 130 -24.36 17.43 15.13
CA ASN A 130 -25.39 16.44 14.88
C ASN A 130 -26.53 17.03 14.08
N SER A 131 -27.00 16.29 13.09
CA SER A 131 -28.12 16.65 12.26
C SER A 131 -29.42 16.22 12.92
N PRO A 132 -30.55 16.86 12.58
CA PRO A 132 -31.83 16.47 13.17
C PRO A 132 -32.38 15.18 12.59
N ASN A 133 -31.58 14.49 11.78
CA ASN A 133 -31.96 13.23 11.17
C ASN A 133 -31.26 12.06 11.83
N CYS A 134 -30.75 12.26 13.04
CA CYS A 134 -29.95 11.27 13.75
C CYS A 134 -30.80 10.52 14.75
N THR A 135 -30.67 9.21 14.77
CA THR A 135 -31.40 8.34 15.68
C THR A 135 -30.42 7.48 16.48
N ASP A 136 -30.67 7.36 17.78
CA ASP A 136 -29.84 6.55 18.68
C ASP A 136 -30.53 5.24 18.98
N PRO A 137 -29.95 4.10 18.59
CA PRO A 137 -30.63 2.82 18.85
C PRO A 137 -30.89 2.55 20.33
N LYS A 138 -29.99 2.98 21.20
CA LYS A 138 -30.17 2.74 22.63
C LYS A 138 -31.28 3.62 23.21
N LEU A 139 -31.54 4.76 22.57
CA LEU A 139 -32.57 5.67 23.03
C LEU A 139 -33.65 5.75 21.95
N LEU A 140 -33.98 4.59 21.38
CA LEU A 140 -35.00 4.50 20.34
C LEU A 140 -36.39 4.75 20.91
N THR A 149 -34.80 3.83 -0.73
CA THR A 149 -34.30 3.73 0.63
C THR A 149 -33.99 2.28 1.01
N LYS A 150 -33.74 1.45 0.00
CA LYS A 150 -33.43 0.05 0.23
C LYS A 150 -31.97 -0.23 -0.05
N TYR A 151 -31.52 0.07 -1.27
CA TYR A 151 -30.11 -0.07 -1.63
C TYR A 151 -29.32 1.22 -1.42
N SER A 152 -29.43 1.82 -0.24
CA SER A 152 -28.70 3.04 0.09
C SER A 152 -27.64 2.75 1.15
N LYS A 153 -26.96 3.80 1.62
CA LYS A 153 -26.01 3.66 2.71
C LYS A 153 -26.56 4.39 3.92
N TYR A 154 -26.45 3.75 5.09
CA TYR A 154 -26.94 4.30 6.33
C TYR A 154 -25.85 5.13 6.99
N LYS A 155 -26.13 6.42 7.21
CA LYS A 155 -25.14 7.33 7.75
C LYS A 155 -25.69 8.25 8.83
N PHE A 156 -26.81 7.91 9.46
CA PHE A 156 -27.42 8.75 10.48
C PHE A 156 -27.10 8.26 11.89
N THR A 157 -26.18 7.29 12.02
CA THR A 157 -25.76 6.79 13.32
C THR A 157 -24.80 7.78 13.99
N PRO A 158 -24.73 7.78 15.32
CA PRO A 158 -23.83 8.72 15.99
C PRO A 158 -22.37 8.59 15.58
N ALA A 159 -21.89 7.36 15.35
CA ALA A 159 -20.49 7.19 14.96
C ALA A 159 -20.24 7.72 13.54
N ALA A 160 -21.13 7.37 12.60
CA ALA A 160 -20.98 7.87 11.24
C ALA A 160 -21.11 9.38 11.17
N GLU A 161 -22.08 9.95 11.91
CA GLU A 161 -22.22 11.40 11.94
C GLU A 161 -21.00 12.07 12.55
N PHE A 162 -20.45 11.48 13.62
CA PHE A 162 -19.22 12.01 14.19
C PHE A 162 -18.11 12.01 13.14
N TYR A 163 -17.87 10.87 12.50
CA TYR A 163 -16.78 10.79 11.53
C TYR A 163 -16.98 11.73 10.36
N GLU A 164 -18.23 11.99 9.97
CA GLU A 164 -18.45 12.78 8.77
C GLU A 164 -18.60 14.27 9.07
N ARG A 165 -18.87 14.66 10.31
CA ARG A 165 -19.17 16.05 10.62
C ARG A 165 -18.35 16.67 11.74
N GLY A 166 -17.47 15.91 12.40
CA GLY A 166 -16.69 16.48 13.48
C GLY A 166 -15.19 16.45 13.20
N VAL A 167 -14.76 15.53 12.34
CA VAL A 167 -13.37 15.42 11.95
C VAL A 167 -13.17 15.79 10.49
N LEU A 168 -14.16 15.51 9.63
CA LEU A 168 -14.03 15.77 8.21
C LEU A 168 -14.71 17.06 7.77
N HIS A 169 -15.84 17.41 8.38
CA HIS A 169 -16.66 18.56 7.96
C HIS A 169 -17.04 18.43 6.49
N LEU A 170 -17.43 17.22 6.11
CA LEU A 170 -17.82 16.94 4.72
C LEU A 170 -19.13 17.61 4.34
N HIS A 171 -19.94 18.03 5.32
CA HIS A 171 -21.25 18.58 5.02
C HIS A 171 -21.20 20.02 4.51
N GLU A 172 -20.03 20.65 4.49
CA GLU A 172 -19.87 21.95 3.83
C GLU A 172 -19.35 21.83 2.40
N SER A 173 -19.21 20.61 1.89
CA SER A 173 -18.69 20.38 0.55
C SER A 173 -19.71 19.60 -0.27
N SER A 174 -19.97 20.07 -1.49
CA SER A 174 -20.91 19.41 -2.40
C SER A 174 -20.24 18.47 -3.38
N GLY A 175 -18.95 18.60 -3.60
CA GLY A 175 -18.27 17.72 -4.53
C GLY A 175 -16.80 18.08 -4.66
N ILE A 176 -16.14 17.45 -5.63
CA ILE A 176 -14.75 17.75 -5.89
C ILE A 176 -14.57 19.10 -6.58
N HIS A 177 -15.64 19.64 -7.18
CA HIS A 177 -15.59 20.97 -7.77
C HIS A 177 -15.69 22.07 -6.73
N ASP A 178 -16.02 21.73 -5.48
CA ASP A 178 -16.15 22.70 -4.39
C ASP A 178 -15.60 22.03 -3.13
N ILE A 179 -14.30 22.25 -2.86
CA ILE A 179 -13.64 21.59 -1.74
C ILE A 179 -13.43 22.51 -0.54
N GLY A 180 -13.45 23.81 -0.73
CA GLY A 180 -13.29 24.72 0.39
C GLY A 180 -11.85 24.86 0.86
N LEU A 181 -11.71 25.41 2.08
CA LEU A 181 -10.44 25.70 2.74
C LEU A 181 -10.08 24.57 3.71
N PRO A 182 -8.78 24.38 3.96
CA PRO A 182 -8.37 23.33 4.90
C PRO A 182 -8.87 23.58 6.31
N GLN A 183 -9.14 22.49 7.02
CA GLN A 183 -9.60 22.54 8.39
C GLN A 183 -8.41 22.64 9.33
N TRP A 184 -8.44 23.63 10.23
CA TRP A 184 -7.27 23.91 11.06
C TRP A 184 -7.01 22.83 12.11
N GLN A 185 -8.06 22.16 12.59
CA GLN A 185 -7.87 21.07 13.53
C GLN A 185 -7.01 19.94 12.96
N LEU A 186 -7.26 19.54 11.72
CA LEU A 186 -6.45 18.54 11.05
C LEU A 186 -5.10 19.07 10.61
N LEU A 187 -5.00 20.35 10.29
CA LEU A 187 -3.74 20.99 9.98
C LEU A 187 -2.77 20.96 11.16
N LEU A 188 -3.27 21.23 12.37
CA LEU A 188 -2.42 21.19 13.55
C LEU A 188 -1.91 19.78 13.86
N CYS A 189 -2.66 18.74 13.44
CA CYS A 189 -2.18 17.38 13.62
C CYS A 189 -1.19 16.98 12.53
N LEU A 190 -1.43 17.42 11.29
CA LEU A 190 -0.50 17.16 10.20
C LEU A 190 0.85 17.82 10.44
N MET A 191 0.85 19.04 11.00
CA MET A 191 2.10 19.71 11.36
C MET A 191 2.91 18.92 12.37
N VAL A 192 2.27 18.37 13.41
CA VAL A 192 2.98 17.49 14.34
C VAL A 192 3.48 16.22 13.68
N VAL A 193 2.67 15.59 12.82
CA VAL A 193 3.08 14.35 12.17
C VAL A 193 4.32 14.57 11.31
N VAL A 194 4.33 15.63 10.49
CA VAL A 194 5.48 15.88 9.63
C VAL A 194 6.72 16.26 10.43
N ILE A 195 6.57 16.99 11.54
CA ILE A 195 7.73 17.33 12.37
C ILE A 195 8.33 16.06 12.98
N VAL A 196 7.48 15.17 13.48
CA VAL A 196 7.98 13.91 14.03
C VAL A 196 8.69 13.10 12.95
N LEU A 197 8.10 13.03 11.76
CA LEU A 197 8.73 12.31 10.66
C LEU A 197 10.08 12.90 10.31
N TYR A 198 10.19 14.23 10.23
CA TYR A 198 11.47 14.86 9.94
C TYR A 198 12.51 14.54 11.00
N PHE A 199 12.17 14.76 12.27
CA PHE A 199 13.15 14.56 13.33
C PHE A 199 13.48 13.08 13.54
N SER A 200 12.71 12.17 12.98
CA SER A 200 13.08 10.75 12.99
C SER A 200 13.77 10.31 11.69
N LEU A 201 14.28 11.26 10.90
CA LEU A 201 14.85 10.93 9.60
C LEU A 201 16.14 11.67 9.28
N TRP A 202 16.60 12.59 10.13
CA TRP A 202 17.56 13.61 9.75
C TRP A 202 18.98 13.30 10.19
N LYS A 203 19.22 12.18 10.87
CA LYS A 203 20.53 11.84 11.39
C LYS A 203 21.11 10.53 10.85
N GLY A 204 20.32 9.73 10.15
CA GLY A 204 20.80 8.43 9.71
C GLY A 204 19.78 7.74 8.82
N VAL A 205 20.11 6.50 8.46
CA VAL A 205 19.31 5.75 7.50
C VAL A 205 18.51 4.65 8.21
N LYS A 206 18.69 4.52 9.52
CA LYS A 206 17.98 3.48 10.23
C LYS A 206 16.97 4.06 11.21
N THR A 207 17.44 4.84 12.19
CA THR A 207 16.65 5.57 13.16
C THR A 207 15.40 4.79 13.56
N SER A 208 15.56 3.51 13.91
CA SER A 208 14.41 2.66 14.17
C SER A 208 14.60 1.78 15.40
N GLY A 209 15.69 2.00 16.14
CA GLY A 209 15.99 1.18 17.30
C GLY A 209 14.90 1.17 18.35
N LYS A 210 14.14 2.26 18.48
CA LYS A 210 13.10 2.32 19.50
C LYS A 210 11.86 1.53 19.08
N VAL A 211 11.22 1.95 17.99
CA VAL A 211 9.94 1.37 17.59
C VAL A 211 10.13 0.21 16.63
N VAL A 212 10.42 -0.98 17.18
CA VAL A 212 10.39 -2.22 16.42
C VAL A 212 9.66 -3.27 17.23
N TRP A 213 9.45 -2.99 18.51
CA TRP A 213 8.80 -3.92 19.42
C TRP A 213 7.40 -3.48 19.83
N ILE A 214 6.94 -2.32 19.38
CA ILE A 214 5.58 -1.87 19.64
C ILE A 214 4.73 -2.20 18.42
N THR A 215 5.36 -2.18 17.24
CA THR A 215 4.68 -2.46 15.98
C THR A 215 4.47 -3.95 15.75
N ALA A 216 5.15 -4.81 16.50
CA ALA A 216 5.03 -6.25 16.30
C ALA A 216 4.54 -6.98 17.54
N THR A 217 4.06 -6.27 18.55
CA THR A 217 3.57 -6.92 19.77
C THR A 217 2.16 -6.46 20.12
N LEU A 218 1.88 -5.18 19.88
CA LEU A 218 0.59 -4.58 20.26
C LEU A 218 -0.53 -4.93 19.29
N PRO A 219 -0.32 -4.87 17.95
CA PRO A 219 -1.43 -5.23 17.05
C PRO A 219 -1.94 -6.64 17.25
N TYR A 220 -1.07 -7.60 17.52
CA TYR A 220 -1.53 -8.96 17.77
C TYR A 220 -2.42 -9.07 19.00
N PHE A 221 -2.06 -8.40 20.09
CA PHE A 221 -2.92 -8.37 21.27
C PHE A 221 -4.25 -7.69 20.98
N VAL A 222 -4.22 -6.57 20.23
CA VAL A 222 -5.45 -5.85 19.94
C VAL A 222 -6.41 -6.72 19.12
N LEU A 223 -5.92 -7.31 18.02
CA LEU A 223 -6.76 -8.21 17.25
C LEU A 223 -7.18 -9.47 18.01
N PHE A 224 -6.32 -10.03 18.85
CA PHE A 224 -6.72 -11.18 19.65
C PHE A 224 -7.86 -10.87 20.60
N VAL A 225 -7.81 -9.73 21.29
CA VAL A 225 -8.91 -9.34 22.17
C VAL A 225 -10.16 -9.05 21.35
N LEU A 226 -10.01 -8.32 20.25
CA LEU A 226 -11.17 -7.89 19.48
C LEU A 226 -11.88 -9.05 18.80
N LEU A 227 -11.11 -10.10 18.43
CA LEU A 227 -11.72 -11.27 17.80
C LEU A 227 -12.67 -11.97 18.77
N VAL A 228 -12.21 -12.20 20.00
CA VAL A 228 -13.06 -12.83 21.02
C VAL A 228 -14.27 -11.94 21.32
N HIS A 229 -14.03 -10.64 21.47
CA HIS A 229 -15.15 -9.75 21.76
C HIS A 229 -16.18 -9.73 20.64
N GLY A 230 -15.73 -9.77 19.38
CA GLY A 230 -16.66 -9.79 18.27
C GLY A 230 -17.42 -11.09 18.17
N VAL A 231 -16.76 -12.22 18.40
CA VAL A 231 -17.45 -13.50 18.27
C VAL A 231 -18.41 -13.72 19.43
N THR A 232 -18.22 -13.01 20.55
CA THR A 232 -19.19 -13.14 21.62
C THR A 232 -20.32 -12.12 21.53
N LEU A 233 -20.28 -11.23 20.53
CA LEU A 233 -21.34 -10.25 20.35
C LEU A 233 -22.61 -10.92 19.82
N PRO A 234 -23.79 -10.31 20.04
CA PRO A 234 -25.02 -10.88 19.49
C PRO A 234 -25.34 -10.43 18.07
N GLY A 235 -25.71 -11.37 17.21
CA GLY A 235 -25.88 -11.12 15.80
C GLY A 235 -24.62 -11.21 14.97
N ALA A 236 -23.49 -11.62 15.56
CA ALA A 236 -22.25 -11.77 14.81
C ALA A 236 -22.22 -13.03 13.96
N SER A 237 -23.06 -14.03 14.28
CA SER A 237 -23.11 -15.23 13.46
C SER A 237 -23.65 -14.94 12.07
N ASN A 238 -24.56 -13.96 11.96
CA ASN A 238 -25.13 -13.59 10.67
C ASN A 238 -24.08 -12.89 9.81
N GLY A 239 -22.97 -12.49 10.42
CA GLY A 239 -21.86 -11.90 9.68
C GLY A 239 -20.76 -12.90 9.44
N ILE A 240 -20.64 -13.89 10.32
CA ILE A 240 -19.68 -14.97 10.09
C ILE A 240 -20.14 -15.87 8.95
N ASN A 241 -21.44 -16.17 8.90
CA ASN A 241 -21.99 -17.00 7.83
C ASN A 241 -22.00 -16.23 6.51
N ALA A 242 -21.78 -14.92 6.58
CA ALA A 242 -21.60 -14.12 5.37
C ALA A 242 -20.15 -13.98 4.96
N TYR A 243 -19.19 -14.14 5.88
CA TYR A 243 -17.78 -14.20 5.55
C TYR A 243 -17.34 -15.56 5.04
N LEU A 244 -17.94 -16.64 5.56
CA LEU A 244 -17.61 -17.98 5.11
C LEU A 244 -18.41 -18.42 3.89
N HIS A 245 -19.38 -17.62 3.45
CA HIS A 245 -20.15 -17.93 2.25
C HIS A 245 -19.40 -17.45 1.02
N ILE A 246 -19.27 -18.35 0.04
CA ILE A 246 -18.51 -18.08 -1.18
C ILE A 246 -19.50 -17.78 -2.29
N ASP A 247 -19.46 -16.56 -2.82
CA ASP A 247 -20.31 -16.17 -3.92
C ASP A 247 -19.58 -16.40 -5.24
N PHE A 248 -20.25 -17.10 -6.15
CA PHE A 248 -19.62 -17.51 -7.40
C PHE A 248 -19.91 -16.61 -8.58
N TYR A 249 -21.06 -15.93 -8.61
CA TYR A 249 -21.27 -14.93 -9.64
C TYR A 249 -20.52 -13.64 -9.38
N ARG A 250 -20.07 -13.42 -8.14
CA ARG A 250 -19.19 -12.31 -7.81
C ARG A 250 -17.81 -12.48 -8.41
N LEU A 251 -17.43 -13.72 -8.74
CA LEU A 251 -16.22 -13.97 -9.52
C LEU A 251 -16.52 -13.70 -10.99
N LYS A 252 -15.65 -14.16 -11.89
CA LYS A 252 -15.73 -13.90 -13.32
C LYS A 252 -16.00 -12.42 -13.61
N GLU A 253 -15.49 -11.55 -12.74
CA GLU A 253 -15.59 -10.11 -12.91
C GLU A 253 -14.24 -9.50 -12.53
N ALA A 254 -13.82 -8.51 -13.32
CA ALA A 254 -12.48 -7.95 -13.23
C ALA A 254 -12.20 -7.25 -11.90
N THR A 255 -13.22 -6.69 -11.25
CA THR A 255 -13.00 -5.83 -10.09
C THR A 255 -12.32 -6.59 -8.95
N VAL A 256 -12.76 -7.81 -8.66
CA VAL A 256 -12.21 -8.54 -7.54
C VAL A 256 -10.74 -8.89 -7.77
N TRP A 257 -10.39 -9.34 -8.99
CA TRP A 257 -9.00 -9.67 -9.29
C TRP A 257 -8.10 -8.44 -9.28
N ILE A 258 -8.56 -7.33 -9.87
CA ILE A 258 -7.78 -6.10 -9.84
C ILE A 258 -7.58 -5.60 -8.42
N ASP A 259 -8.60 -5.66 -7.58
CA ASP A 259 -8.44 -5.27 -6.19
C ASP A 259 -7.48 -6.20 -5.45
N ALA A 260 -7.57 -7.51 -5.71
CA ALA A 260 -6.73 -8.46 -5.00
C ALA A 260 -5.25 -8.25 -5.32
N ALA A 261 -4.92 -8.10 -6.60
CA ALA A 261 -3.51 -7.90 -6.97
C ALA A 261 -2.96 -6.61 -6.39
N THR A 262 -3.74 -5.53 -6.47
CA THR A 262 -3.30 -4.26 -5.93
C THR A 262 -3.10 -4.34 -4.42
N GLN A 263 -4.04 -4.98 -3.71
CA GLN A 263 -3.91 -5.13 -2.26
C GLN A 263 -2.70 -5.97 -1.89
N ILE A 264 -2.38 -6.97 -2.71
CA ILE A 264 -1.17 -7.74 -2.49
C ILE A 264 0.06 -6.84 -2.60
N PHE A 265 0.08 -5.97 -3.61
CA PHE A 265 1.23 -5.09 -3.84
C PHE A 265 1.16 -3.82 -2.97
N PHE A 266 0.31 -3.89 -1.94
CA PHE A 266 0.38 -2.95 -0.82
C PHE A 266 0.78 -3.67 0.46
N SER A 267 0.21 -4.86 0.67
CA SER A 267 0.49 -5.61 1.88
C SER A 267 1.93 -6.12 1.91
N LEU A 268 2.41 -6.66 0.80
CA LEU A 268 3.79 -7.15 0.77
C LEU A 268 4.79 -6.00 0.66
N GLY A 269 4.45 -4.96 -0.07
CA GLY A 269 5.30 -3.81 -0.22
C GLY A 269 6.21 -3.80 -1.44
N ALA A 270 5.98 -4.69 -2.40
CA ALA A 270 6.81 -4.76 -3.60
C ALA A 270 6.23 -3.83 -4.65
N GLY A 271 7.10 -3.02 -5.26
CA GLY A 271 6.67 -2.05 -6.26
C GLY A 271 6.81 -0.62 -5.80
N PHE A 272 7.33 -0.42 -4.59
CA PHE A 272 7.54 0.91 -4.03
C PHE A 272 9.00 1.27 -3.86
N GLY A 273 9.92 0.32 -4.00
CA GLY A 273 11.33 0.58 -3.77
C GLY A 273 11.78 0.41 -2.33
N VAL A 274 10.87 0.10 -1.41
CA VAL A 274 11.23 -0.07 -0.01
C VAL A 274 12.08 -1.32 0.22
N LEU A 275 11.71 -2.46 -0.36
CA LEU A 275 12.44 -3.71 -0.17
C LEU A 275 13.85 -3.68 -0.74
N ILE A 276 14.04 -3.07 -1.91
CA ILE A 276 15.37 -2.98 -2.49
C ILE A 276 16.24 -2.05 -1.67
N ALA A 277 15.69 -0.91 -1.24
CA ALA A 277 16.44 0.04 -0.44
C ALA A 277 16.84 -0.50 0.93
N PHE A 278 15.95 -1.25 1.60
CA PHE A 278 16.27 -1.80 2.92
C PHE A 278 17.13 -3.05 2.85
N ALA A 279 17.09 -3.80 1.75
CA ALA A 279 17.92 -4.98 1.62
C ALA A 279 19.37 -4.65 1.27
N SER A 280 19.65 -3.43 0.86
CA SER A 280 21.01 -3.00 0.54
C SER A 280 21.84 -2.72 1.79
N TYR A 281 21.23 -2.78 2.97
CA TYR A 281 21.95 -2.60 4.22
C TYR A 281 22.15 -3.89 5.00
N ASN A 282 21.83 -5.05 4.42
CA ASN A 282 21.94 -6.31 5.13
C ASN A 282 23.38 -6.83 5.11
N LYS A 283 23.58 -8.06 5.57
CA LYS A 283 24.88 -8.71 5.55
C LYS A 283 24.88 -9.72 4.40
N PHE A 284 26.06 -9.95 3.82
CA PHE A 284 26.14 -10.76 2.61
C PHE A 284 26.15 -12.24 2.96
N ASP A 285 25.25 -12.66 3.85
CA ASP A 285 25.00 -14.05 4.20
C ASP A 285 23.51 -14.28 4.45
N ASN A 286 22.71 -13.23 4.29
CA ASN A 286 21.33 -13.26 4.75
C ASN A 286 20.49 -14.21 3.91
N ASN A 287 19.62 -14.96 4.58
CA ASN A 287 18.71 -15.89 3.91
C ASN A 287 17.40 -15.17 3.62
N CYS A 288 17.14 -14.89 2.34
CA CYS A 288 15.93 -14.20 1.93
C CYS A 288 14.75 -15.14 1.69
N TYR A 289 15.02 -16.41 1.40
CA TYR A 289 13.98 -17.41 1.22
C TYR A 289 13.16 -17.60 2.48
N ARG A 290 13.83 -17.76 3.62
CA ARG A 290 13.14 -17.91 4.90
C ARG A 290 12.31 -16.66 5.22
N ASP A 291 12.89 -15.48 5.00
CA ASP A 291 12.18 -14.23 5.26
C ASP A 291 10.94 -14.10 4.39
N ALA A 292 11.03 -14.42 3.10
CA ALA A 292 9.87 -14.38 2.22
C ALA A 292 8.78 -15.34 2.67
N LEU A 293 9.14 -16.58 3.00
CA LEU A 293 8.13 -17.54 3.44
C LEU A 293 7.45 -17.06 4.71
N LEU A 294 8.22 -16.61 5.70
CA LEU A 294 7.65 -16.16 6.96
C LEU A 294 6.73 -14.95 6.76
N THR A 295 7.18 -13.99 5.95
CA THR A 295 6.39 -12.79 5.70
C THR A 295 5.07 -13.14 5.02
N SER A 296 5.12 -14.01 4.01
CA SER A 296 3.89 -14.39 3.32
C SER A 296 2.92 -15.09 4.26
N SER A 297 3.42 -16.04 5.06
CA SER A 297 2.55 -16.77 5.97
C SER A 297 1.89 -15.83 6.98
N ILE A 298 2.69 -14.95 7.58
CA ILE A 298 2.16 -14.03 8.58
C ILE A 298 1.15 -13.08 7.96
N ASN A 299 1.44 -12.59 6.75
CA ASN A 299 0.52 -11.68 6.08
C ASN A 299 -0.82 -12.35 5.83
N CYS A 300 -0.79 -13.60 5.35
CA CYS A 300 -2.03 -14.32 5.09
C CYS A 300 -2.84 -14.52 6.37
N ILE A 301 -2.16 -14.93 7.44
CA ILE A 301 -2.87 -15.19 8.70
C ILE A 301 -3.50 -13.91 9.23
N THR A 302 -2.75 -12.81 9.22
CA THR A 302 -3.27 -11.54 9.71
C THR A 302 -4.44 -11.05 8.87
N SER A 303 -4.35 -11.22 7.55
CA SER A 303 -5.45 -10.80 6.68
C SER A 303 -6.73 -11.59 6.99
N PHE A 304 -6.60 -12.90 7.14
CA PHE A 304 -7.76 -13.72 7.46
C PHE A 304 -8.38 -13.33 8.81
N VAL A 305 -7.54 -13.13 9.82
CA VAL A 305 -8.03 -12.76 11.14
C VAL A 305 -8.71 -11.40 11.10
N SER A 306 -8.12 -10.43 10.39
CA SER A 306 -8.72 -9.11 10.27
C SER A 306 -10.08 -9.17 9.58
N GLY A 307 -10.19 -9.96 8.50
CA GLY A 307 -11.49 -10.11 7.87
C GLY A 307 -12.55 -10.73 8.76
N PHE A 308 -12.20 -11.78 9.50
CA PHE A 308 -13.14 -12.37 10.45
C PHE A 308 -13.59 -11.38 11.50
N ALA A 309 -12.65 -10.63 12.09
CA ALA A 309 -13.01 -9.66 13.11
C ALA A 309 -13.87 -8.55 12.55
N ILE A 310 -13.58 -8.09 11.33
CA ILE A 310 -14.38 -7.03 10.72
C ILE A 310 -15.80 -7.50 10.48
N PHE A 311 -15.97 -8.71 9.95
CA PHE A 311 -17.31 -9.18 9.63
C PHE A 311 -18.13 -9.52 10.87
N SER A 312 -17.50 -9.94 11.98
CA SER A 312 -18.27 -10.11 13.21
C SER A 312 -18.90 -8.78 13.66
N ILE A 313 -18.12 -7.70 13.64
CA ILE A 313 -18.63 -6.40 14.03
C ILE A 313 -19.67 -5.92 13.02
N LEU A 314 -19.47 -6.22 11.73
CA LEU A 314 -20.46 -5.85 10.73
C LEU A 314 -21.80 -6.54 11.00
N GLY A 315 -21.77 -7.83 11.34
CA GLY A 315 -22.99 -8.53 11.69
C GLY A 315 -23.66 -7.96 12.92
N TYR A 316 -22.87 -7.63 13.96
CA TYR A 316 -23.46 -7.01 15.14
C TYR A 316 -24.12 -5.67 14.82
N MET A 317 -23.45 -4.84 14.02
CA MET A 317 -24.00 -3.54 13.65
C MET A 317 -25.27 -3.69 12.83
N ALA A 318 -25.30 -4.65 11.92
CA ALA A 318 -26.52 -4.91 11.16
C ALA A 318 -27.65 -5.35 12.08
N HIS A 319 -27.34 -6.18 13.08
CA HIS A 319 -28.36 -6.62 14.01
C HIS A 319 -28.93 -5.47 14.83
N GLU A 320 -28.06 -4.59 15.32
CA GLU A 320 -28.53 -3.54 16.23
C GLU A 320 -29.32 -2.44 15.52
N HIS A 321 -28.96 -2.11 14.29
CA HIS A 321 -29.61 -1.02 13.56
C HIS A 321 -30.82 -1.47 12.75
N LYS A 322 -31.14 -2.76 12.75
CA LYS A 322 -32.27 -3.32 11.99
C LYS A 322 -32.15 -3.01 10.51
N VAL A 323 -30.94 -3.19 9.98
CA VAL A 323 -30.66 -3.01 8.56
C VAL A 323 -29.94 -4.25 8.03
N ASN A 324 -29.55 -4.21 6.76
CA ASN A 324 -28.83 -5.31 6.13
C ASN A 324 -27.33 -5.05 6.18
N ILE A 325 -26.56 -6.14 6.04
CA ILE A 325 -25.11 -6.04 6.14
C ILE A 325 -24.53 -5.21 5.00
N GLU A 326 -25.05 -5.37 3.78
CA GLU A 326 -24.53 -4.63 2.64
C GLU A 326 -24.92 -3.15 2.68
N ASP A 327 -25.81 -2.75 3.59
CA ASP A 327 -26.25 -1.36 3.69
C ASP A 327 -25.93 -0.70 5.02
N VAL A 328 -25.25 -1.39 5.94
CA VAL A 328 -25.06 -0.85 7.28
C VAL A 328 -23.89 0.13 7.37
N ALA A 329 -22.88 -0.02 6.51
CA ALA A 329 -21.69 0.82 6.61
C ALA A 329 -21.22 1.18 5.20
N THR A 330 -20.30 2.15 5.13
CA THR A 330 -19.77 2.60 3.86
C THR A 330 -18.75 1.62 3.33
N GLU A 331 -18.21 1.94 2.14
CA GLU A 331 -17.19 1.13 1.48
C GLU A 331 -15.98 1.99 1.12
N GLY A 332 -15.68 2.98 1.96
CA GLY A 332 -14.59 3.90 1.72
C GLY A 332 -13.43 3.67 2.68
N ALA A 333 -12.52 4.64 2.69
CA ALA A 333 -11.31 4.57 3.50
C ALA A 333 -11.58 4.77 4.99
N GLY A 334 -12.78 5.20 5.37
CA GLY A 334 -13.07 5.46 6.77
C GLY A 334 -13.94 4.39 7.42
N LEU A 335 -13.86 3.15 6.91
CA LEU A 335 -14.65 2.07 7.45
C LEU A 335 -14.21 1.70 8.87
N VAL A 336 -12.89 1.62 9.09
CA VAL A 336 -12.37 1.29 10.41
C VAL A 336 -12.70 2.36 11.44
N PHE A 337 -12.62 3.64 11.09
CA PHE A 337 -12.91 4.73 12.00
C PHE A 337 -14.39 4.80 12.38
N ILE A 338 -15.21 3.89 11.86
CA ILE A 338 -16.61 3.82 12.22
C ILE A 338 -16.88 2.51 12.97
N LEU A 339 -16.36 1.40 12.42
CA LEU A 339 -16.63 0.10 13.06
C LEU A 339 -15.83 -0.11 14.33
N TYR A 340 -14.53 0.22 14.31
CA TYR A 340 -13.68 -0.10 15.44
C TYR A 340 -14.06 0.70 16.69
N PRO A 341 -14.31 2.02 16.58
CA PRO A 341 -14.88 2.73 17.74
C PRO A 341 -16.19 2.15 18.23
N GLU A 342 -17.03 1.67 17.32
CA GLU A 342 -18.32 1.09 17.72
C GLU A 342 -18.15 -0.22 18.47
N ALA A 343 -17.13 -1.01 18.12
CA ALA A 343 -16.83 -2.22 18.86
C ALA A 343 -16.14 -1.93 20.18
N ILE A 344 -15.40 -0.82 20.26
CA ILE A 344 -14.73 -0.45 21.51
C ILE A 344 -15.76 -0.14 22.59
N SER A 345 -16.84 0.55 22.24
CA SER A 345 -17.84 1.00 23.22
C SER A 345 -18.54 -0.15 23.92
N THR A 346 -18.50 -1.37 23.37
CA THR A 346 -19.17 -2.51 23.96
C THR A 346 -18.29 -3.26 24.97
N LEU A 347 -17.07 -2.82 25.19
CA LEU A 347 -16.15 -3.42 26.14
C LEU A 347 -16.35 -2.82 27.53
N SER A 348 -15.55 -3.29 28.49
CA SER A 348 -15.51 -2.74 29.83
C SER A 348 -14.27 -1.87 29.96
N GLY A 349 -14.46 -0.61 30.35
CA GLY A 349 -13.37 0.34 30.35
C GLY A 349 -12.98 0.72 28.93
N SER A 350 -13.91 1.35 28.21
CA SER A 350 -13.70 1.66 26.80
C SER A 350 -12.62 2.70 26.58
N THR A 351 -12.42 3.63 27.52
CA THR A 351 -11.43 4.68 27.36
C THR A 351 -10.00 4.13 27.29
N PHE A 352 -9.67 3.12 28.10
CA PHE A 352 -8.35 2.51 28.04
C PHE A 352 -8.13 1.82 26.69
N TRP A 353 -9.10 1.05 26.23
CA TRP A 353 -8.97 0.33 24.97
C TRP A 353 -8.89 1.25 23.76
N ALA A 354 -9.67 2.33 23.76
CA ALA A 354 -9.57 3.30 22.67
C ALA A 354 -8.19 3.93 22.60
N VAL A 355 -7.63 4.31 23.76
CA VAL A 355 -6.29 4.89 23.79
C VAL A 355 -5.27 3.90 23.25
N VAL A 356 -5.34 2.64 23.71
CA VAL A 356 -4.39 1.64 23.25
C VAL A 356 -4.50 1.44 21.74
N PHE A 357 -5.73 1.34 21.24
CA PHE A 357 -5.96 1.04 19.83
C PHE A 357 -5.47 2.19 18.94
N PHE A 358 -5.74 3.44 19.35
CA PHE A 358 -5.31 4.56 18.52
C PHE A 358 -3.81 4.77 18.61
N VAL A 359 -3.19 4.43 19.75
CA VAL A 359 -1.74 4.43 19.84
C VAL A 359 -1.16 3.42 18.85
N MET A 360 -1.78 2.24 18.77
CA MET A 360 -1.34 1.22 17.82
C MET A 360 -1.44 1.74 16.38
N LEU A 361 -2.55 2.39 16.04
CA LEU A 361 -2.70 2.95 14.70
C LEU A 361 -1.62 4.01 14.42
N LEU A 362 -1.35 4.88 15.40
CA LEU A 362 -0.35 5.92 15.21
C LEU A 362 1.03 5.32 14.96
N ALA A 363 1.39 4.30 15.75
CA ALA A 363 2.69 3.66 15.57
C ALA A 363 2.79 2.99 14.20
N LEU A 364 1.73 2.29 13.79
CA LEU A 364 1.75 1.62 12.48
C LEU A 364 1.92 2.63 11.34
N GLY A 365 1.15 3.72 11.39
CA GLY A 365 1.26 4.73 10.35
C GLY A 365 2.63 5.38 10.31
N LEU A 366 3.19 5.67 11.49
CA LEU A 366 4.51 6.28 11.55
C LEU A 366 5.56 5.34 10.96
N ASP A 367 5.47 4.04 11.27
CA ASP A 367 6.42 3.09 10.72
C ASP A 367 6.33 3.02 9.20
N SER A 368 5.10 2.97 8.67
CA SER A 368 4.92 2.90 7.23
C SER A 368 5.47 4.15 6.53
N SER A 369 5.18 5.32 7.09
CA SER A 369 5.67 6.56 6.50
C SER A 369 7.18 6.64 6.56
N MET A 370 7.78 6.19 7.67
CA MET A 370 9.23 6.17 7.78
C MET A 370 9.84 5.26 6.74
N GLY A 371 9.24 4.09 6.52
CA GLY A 371 9.74 3.19 5.48
C GLY A 371 9.69 3.83 4.10
N GLY A 372 8.56 4.48 3.77
CA GLY A 372 8.46 5.14 2.48
C GLY A 372 9.48 6.25 2.30
N MET A 373 9.67 7.06 3.35
CA MET A 373 10.65 8.15 3.28
C MET A 373 12.07 7.59 3.12
N GLU A 374 12.42 6.54 3.85
CA GLU A 374 13.71 5.89 3.65
C GLU A 374 13.88 5.44 2.21
N ALA A 375 12.85 4.79 1.66
CA ALA A 375 12.93 4.32 0.28
C ALA A 375 13.23 5.46 -0.68
N VAL A 376 12.44 6.54 -0.61
CA VAL A 376 12.58 7.66 -1.52
C VAL A 376 13.94 8.32 -1.37
N ILE A 377 14.34 8.59 -0.12
CA ILE A 377 15.58 9.33 0.13
C ILE A 377 16.78 8.52 -0.33
N THR A 378 16.81 7.22 0.02
CA THR A 378 17.93 6.38 -0.38
C THR A 378 18.00 6.25 -1.90
N GLY A 379 16.85 6.04 -2.55
CA GLY A 379 16.84 5.91 -4.00
C GLY A 379 17.35 7.15 -4.69
N LEU A 380 16.93 8.33 -4.22
CA LEU A 380 17.38 9.57 -4.84
C LEU A 380 18.82 9.93 -4.48
N ALA A 381 19.31 9.53 -3.31
CA ALA A 381 20.67 9.89 -2.92
C ALA A 381 21.70 8.93 -3.51
N ASP A 382 21.32 7.70 -3.83
CA ASP A 382 22.27 6.77 -4.42
C ASP A 382 22.70 7.20 -5.83
N ASP A 383 21.84 7.95 -6.53
CA ASP A 383 22.16 8.35 -7.90
C ASP A 383 23.04 9.60 -7.92
N PHE A 384 22.64 10.63 -7.18
CA PHE A 384 23.38 11.88 -7.10
C PHE A 384 24.15 11.90 -5.78
N GLN A 385 25.48 11.91 -5.87
CA GLN A 385 26.32 11.82 -4.68
C GLN A 385 26.45 13.13 -3.93
N VAL A 386 26.02 14.26 -4.52
CA VAL A 386 26.05 15.53 -3.81
C VAL A 386 24.98 15.57 -2.72
N LEU A 387 23.91 14.79 -2.87
CA LEU A 387 22.86 14.75 -1.85
C LEU A 387 23.26 13.95 -0.62
N LYS A 388 24.35 13.18 -0.68
CA LYS A 388 24.85 12.45 0.48
C LYS A 388 25.58 13.34 1.46
N ARG A 389 26.02 14.52 1.04
CA ARG A 389 26.68 15.49 1.92
C ARG A 389 25.71 16.49 2.51
N HIS A 390 24.49 16.58 1.99
CA HIS A 390 23.44 17.45 2.51
C HIS A 390 22.21 16.58 2.74
N ARG A 391 22.13 15.94 3.90
CA ARG A 391 21.01 15.09 4.23
C ARG A 391 19.88 15.84 4.92
N LYS A 392 20.23 16.81 5.78
CA LYS A 392 19.21 17.59 6.46
C LYS A 392 18.39 18.41 5.47
N LEU A 393 19.06 19.04 4.50
CA LEU A 393 18.35 19.83 3.49
C LEU A 393 17.43 18.94 2.65
N PHE A 394 17.92 17.78 2.22
CA PHE A 394 17.11 16.89 1.40
C PHE A 394 15.90 16.37 2.18
N THR A 395 16.11 16.00 3.45
CA THR A 395 15.00 15.51 4.27
C THR A 395 13.98 16.61 4.49
N PHE A 396 14.45 17.84 4.75
CA PHE A 396 13.54 18.96 4.92
C PHE A 396 12.73 19.20 3.66
N GLY A 397 13.38 19.15 2.51
CA GLY A 397 12.70 19.34 1.24
C GLY A 397 11.62 18.30 1.01
N VAL A 398 11.96 17.03 1.23
CA VAL A 398 10.99 15.94 1.03
C VAL A 398 9.80 16.11 1.96
N THR A 399 10.07 16.36 3.24
CA THR A 399 8.99 16.48 4.22
C THR A 399 8.11 17.69 3.93
N PHE A 400 8.72 18.82 3.58
CA PHE A 400 7.94 20.02 3.29
C PHE A 400 7.09 19.85 2.04
N SER A 401 7.64 19.20 1.01
CA SER A 401 6.85 18.92 -0.19
C SER A 401 5.69 18.00 0.12
N THR A 402 5.93 16.98 0.94
CA THR A 402 4.86 16.06 1.33
C THR A 402 3.76 16.80 2.09
N PHE A 403 4.14 17.68 3.01
CA PHE A 403 3.18 18.48 3.77
C PHE A 403 2.35 19.38 2.85
N LEU A 404 3.02 20.07 1.92
CA LEU A 404 2.33 20.98 1.02
C LEU A 404 1.35 20.23 0.13
N LEU A 405 1.75 19.06 -0.38
CA LEU A 405 0.86 18.29 -1.24
C LEU A 405 -0.24 17.60 -0.45
N ALA A 406 -0.01 17.28 0.82
CA ALA A 406 -1.06 16.69 1.65
C ALA A 406 -2.03 17.72 2.20
N LEU A 407 -1.69 19.01 2.11
CA LEU A 407 -2.66 20.05 2.46
C LEU A 407 -3.93 19.98 1.63
N PHE A 408 -3.89 19.38 0.44
CA PHE A 408 -5.08 19.27 -0.41
C PHE A 408 -6.13 18.32 0.15
N CYS A 409 -5.72 17.31 0.92
CA CYS A 409 -6.63 16.27 1.39
C CYS A 409 -7.24 16.57 2.75
N ILE A 410 -6.89 17.69 3.38
CA ILE A 410 -7.45 18.05 4.67
C ILE A 410 -8.46 19.20 4.53
N THR A 411 -8.92 19.48 3.31
CA THR A 411 -9.93 20.50 3.09
C THR A 411 -11.30 19.96 3.49
N LYS A 412 -12.34 20.79 3.30
CA LYS A 412 -13.69 20.38 3.64
C LYS A 412 -14.18 19.24 2.76
N GLY A 413 -13.67 19.16 1.53
CA GLY A 413 -14.01 18.08 0.63
C GLY A 413 -12.81 17.24 0.24
N GLY A 414 -11.91 17.01 1.20
CA GLY A 414 -10.70 16.27 0.96
C GLY A 414 -10.86 14.78 0.83
N ILE A 415 -12.00 14.23 1.23
CA ILE A 415 -12.23 12.80 1.06
C ILE A 415 -12.33 12.40 -0.40
N TYR A 416 -12.89 13.26 -1.27
CA TYR A 416 -12.91 12.98 -2.69
C TYR A 416 -11.52 12.97 -3.29
N VAL A 417 -10.67 13.93 -2.92
CA VAL A 417 -9.29 13.94 -3.37
C VAL A 417 -8.54 12.72 -2.88
N LEU A 418 -8.74 12.34 -1.62
CA LEU A 418 -8.09 11.15 -1.08
C LEU A 418 -8.55 9.88 -1.78
N THR A 419 -9.84 9.76 -2.10
CA THR A 419 -10.34 8.62 -2.85
C THR A 419 -9.73 8.56 -4.26
N LEU A 420 -9.67 9.71 -4.95
CA LEU A 420 -9.06 9.73 -6.26
C LEU A 420 -7.58 9.33 -6.20
N LEU A 421 -6.86 9.83 -5.20
CA LEU A 421 -5.46 9.44 -5.01
C LEU A 421 -5.31 7.95 -4.71
N ASP A 422 -6.07 7.43 -3.75
CA ASP A 422 -6.01 6.01 -3.42
C ASP A 422 -6.44 5.11 -4.58
N THR A 423 -7.20 5.64 -5.53
CA THR A 423 -7.57 4.88 -6.72
C THR A 423 -6.54 4.94 -7.84
N PHE A 424 -5.91 6.08 -8.06
CA PHE A 424 -5.08 6.26 -9.25
C PHE A 424 -3.58 6.37 -9.01
N ALA A 425 -3.13 6.52 -7.76
CA ALA A 425 -1.70 6.66 -7.52
C ALA A 425 -0.96 5.34 -7.73
N ALA A 426 -1.49 4.24 -7.20
CA ALA A 426 -0.90 2.92 -7.41
C ALA A 426 -2.02 1.99 -7.86
N GLY A 427 -2.33 2.03 -9.15
CA GLY A 427 -3.30 1.13 -9.75
C GLY A 427 -2.64 0.28 -10.82
N THR A 428 -2.94 0.58 -12.08
CA THR A 428 -2.23 -0.05 -13.19
C THR A 428 -0.75 0.31 -13.18
N SER A 429 -0.39 1.46 -12.60
CA SER A 429 1.00 1.91 -12.62
C SER A 429 1.92 0.95 -11.86
N ILE A 430 1.52 0.56 -10.64
CA ILE A 430 2.35 -0.34 -9.84
C ILE A 430 2.44 -1.73 -10.46
N LEU A 431 1.35 -2.24 -11.04
CA LEU A 431 1.39 -3.51 -11.75
C LEU A 431 2.30 -3.45 -12.97
N PHE A 432 2.26 -2.35 -13.72
CA PHE A 432 3.16 -2.18 -14.85
C PHE A 432 4.62 -2.13 -14.40
N ALA A 433 4.91 -1.41 -13.32
CA ALA A 433 6.28 -1.32 -12.82
C ALA A 433 6.78 -2.68 -12.36
N VAL A 434 5.95 -3.43 -11.61
CA VAL A 434 6.33 -4.77 -11.17
C VAL A 434 6.51 -5.74 -12.32
N LEU A 435 5.65 -5.69 -13.33
CA LEU A 435 5.83 -6.49 -14.54
C LEU A 435 7.12 -6.14 -15.27
N MET A 436 7.43 -4.86 -15.41
CA MET A 436 8.67 -4.45 -16.06
C MET A 436 9.90 -4.90 -15.31
N GLU A 437 9.89 -4.82 -13.97
CA GLU A 437 11.03 -5.31 -13.20
C GLU A 437 11.30 -6.78 -13.48
N ALA A 438 10.25 -7.61 -13.38
CA ALA A 438 10.40 -9.04 -13.59
C ALA A 438 10.85 -9.36 -15.01
N ILE A 439 10.23 -8.71 -16.00
CA ILE A 439 10.59 -8.97 -17.39
C ILE A 439 12.05 -8.59 -17.63
N GLY A 440 12.42 -7.38 -17.23
CA GLY A 440 13.77 -6.91 -17.35
C GLY A 440 14.78 -7.87 -16.77
N VAL A 441 14.68 -8.14 -15.47
CA VAL A 441 15.63 -9.03 -14.82
C VAL A 441 15.64 -10.38 -15.54
N SER A 442 14.52 -11.10 -15.49
CA SER A 442 14.50 -12.50 -15.87
C SER A 442 14.77 -12.75 -17.35
N TRP A 443 14.58 -11.75 -18.21
CA TRP A 443 14.77 -11.97 -19.65
C TRP A 443 16.04 -11.33 -20.19
N PHE A 444 16.47 -10.19 -19.63
CA PHE A 444 17.65 -9.52 -20.18
C PHE A 444 18.89 -9.82 -19.36
N TYR A 445 18.79 -9.77 -18.03
CA TYR A 445 19.99 -10.04 -17.23
C TYR A 445 20.30 -11.54 -17.21
N GLY A 446 19.27 -12.36 -17.09
CA GLY A 446 19.44 -13.80 -17.09
C GLY A 446 19.00 -14.45 -15.79
N VAL A 447 18.01 -15.34 -15.88
CA VAL A 447 17.58 -16.11 -14.72
C VAL A 447 18.68 -17.05 -14.24
N ASP A 448 19.60 -17.44 -15.13
CA ASP A 448 20.76 -18.23 -14.73
C ASP A 448 21.78 -17.41 -13.96
N ARG A 449 22.07 -16.18 -14.39
CA ARG A 449 22.96 -15.32 -13.64
C ARG A 449 22.36 -14.92 -12.29
N PHE A 450 21.06 -14.63 -12.27
CA PHE A 450 20.39 -14.31 -11.02
C PHE A 450 20.34 -15.50 -10.06
N SER A 451 20.40 -16.73 -10.58
CA SER A 451 20.47 -17.92 -9.74
C SER A 451 21.88 -18.27 -9.32
N ASN A 452 22.88 -17.91 -10.12
CA ASN A 452 24.27 -18.07 -9.74
C ASN A 452 24.72 -17.03 -8.73
N ASP A 453 24.07 -15.86 -8.69
CA ASP A 453 24.31 -14.89 -7.64
C ASP A 453 23.82 -15.34 -6.28
N ILE A 454 22.62 -15.94 -6.23
CA ILE A 454 22.13 -16.53 -4.99
C ILE A 454 23.01 -17.70 -4.57
N GLN A 455 23.43 -18.52 -5.54
CA GLN A 455 24.43 -19.55 -5.27
C GLN A 455 25.68 -18.99 -4.62
N GLN A 456 26.13 -17.81 -5.03
CA GLN A 456 27.32 -17.20 -4.46
C GLN A 456 27.08 -16.64 -3.07
N MET A 457 25.92 -16.02 -2.84
CA MET A 457 25.72 -15.32 -1.57
C MET A 457 24.88 -16.10 -0.57
N MET A 458 24.43 -17.31 -0.94
CA MET A 458 23.63 -18.10 0.00
C MET A 458 24.10 -19.55 0.09
N GLY A 459 24.76 -20.04 -0.96
CA GLY A 459 25.31 -21.38 -0.98
C GLY A 459 24.43 -22.43 -1.64
N PHE A 460 23.18 -22.10 -1.94
CA PHE A 460 22.28 -23.03 -2.62
C PHE A 460 21.61 -22.32 -3.78
N ARG A 461 21.30 -23.09 -4.82
CA ARG A 461 20.66 -22.54 -6.01
C ARG A 461 19.14 -22.57 -5.84
N PRO A 462 18.43 -21.50 -6.22
CA PRO A 462 17.00 -21.37 -5.89
C PRO A 462 16.13 -22.60 -6.14
N GLY A 463 16.08 -23.09 -7.38
CA GLY A 463 15.23 -24.23 -7.68
C GLY A 463 14.30 -24.02 -8.85
N LEU A 464 13.71 -25.10 -9.35
CA LEU A 464 12.91 -25.04 -10.57
C LEU A 464 11.66 -24.19 -10.39
N TYR A 465 10.97 -24.31 -9.26
CA TYR A 465 9.71 -23.59 -9.07
C TYR A 465 9.91 -22.08 -9.12
N TRP A 466 10.91 -21.59 -8.39
CA TRP A 466 11.20 -20.16 -8.38
C TRP A 466 11.65 -19.66 -9.75
N ARG A 467 12.51 -20.42 -10.42
CA ARG A 467 12.98 -20.02 -11.75
C ARG A 467 11.87 -20.00 -12.79
N LEU A 468 10.88 -20.88 -12.68
CA LEU A 468 9.72 -20.83 -13.57
C LEU A 468 8.75 -19.71 -13.24
N CYS A 469 8.48 -19.48 -11.95
CA CYS A 469 7.59 -18.39 -11.57
C CYS A 469 8.20 -17.01 -11.81
N TRP A 470 9.53 -16.91 -11.84
CA TRP A 470 10.19 -15.65 -12.15
C TRP A 470 10.09 -15.28 -13.61
N LYS A 471 10.07 -16.26 -14.51
CA LYS A 471 10.17 -16.01 -15.94
C LYS A 471 8.86 -16.15 -16.68
N PHE A 472 8.03 -17.15 -16.38
CA PHE A 472 6.85 -17.40 -17.19
C PHE A 472 5.54 -17.13 -16.46
N VAL A 473 5.39 -17.56 -15.22
CA VAL A 473 4.08 -17.56 -14.57
C VAL A 473 3.69 -16.16 -14.10
N SER A 474 4.52 -15.49 -13.33
CA SER A 474 4.20 -14.17 -12.80
C SER A 474 4.03 -13.12 -13.91
N PRO A 475 4.94 -13.02 -14.89
CA PRO A 475 4.74 -12.02 -15.95
C PRO A 475 3.44 -12.20 -16.72
N ALA A 476 3.01 -13.43 -16.98
CA ALA A 476 1.77 -13.65 -17.71
C ALA A 476 0.56 -13.14 -16.93
N PHE A 477 0.46 -13.49 -15.65
CA PHE A 477 -0.61 -13.00 -14.80
C PHE A 477 -0.60 -11.49 -14.65
N LEU A 478 0.58 -10.90 -14.47
CA LEU A 478 0.68 -9.44 -14.40
C LEU A 478 0.23 -8.77 -15.69
N LEU A 479 0.63 -9.29 -16.85
CA LEU A 479 0.20 -8.72 -18.11
C LEU A 479 -1.32 -8.83 -18.28
N PHE A 480 -1.87 -9.99 -17.90
CA PHE A 480 -3.31 -10.18 -18.00
C PHE A 480 -4.06 -9.18 -17.12
N VAL A 481 -3.59 -9.01 -15.88
CA VAL A 481 -4.23 -8.07 -14.97
C VAL A 481 -4.13 -6.65 -15.51
N VAL A 482 -2.97 -6.28 -16.03
CA VAL A 482 -2.78 -4.93 -16.57
C VAL A 482 -3.72 -4.67 -17.74
N VAL A 483 -3.84 -5.64 -18.65
CA VAL A 483 -4.71 -5.48 -19.80
C VAL A 483 -6.16 -5.37 -19.37
N VAL A 484 -6.60 -6.26 -18.46
CA VAL A 484 -7.99 -6.26 -18.03
C VAL A 484 -8.35 -5.01 -17.24
N SER A 485 -7.41 -4.44 -16.47
CA SER A 485 -7.66 -3.22 -15.73
C SER A 485 -7.83 -2.00 -16.62
N ILE A 486 -7.48 -2.11 -17.91
CA ILE A 486 -7.66 -1.03 -18.86
C ILE A 486 -8.91 -1.30 -19.68
N ILE A 487 -9.13 -2.55 -20.04
CA ILE A 487 -10.31 -2.92 -20.82
C ILE A 487 -11.60 -2.72 -20.03
N ASN A 488 -11.59 -2.96 -18.73
CA ASN A 488 -12.82 -2.93 -17.93
C ASN A 488 -12.76 -1.86 -16.84
N PHE A 489 -12.32 -0.66 -17.19
CA PHE A 489 -12.23 0.45 -16.26
C PHE A 489 -13.63 0.92 -15.87
N LYS A 490 -13.83 1.21 -14.58
CA LYS A 490 -15.10 1.68 -14.06
C LYS A 490 -14.98 3.12 -13.61
N PRO A 491 -15.95 3.98 -13.93
CA PRO A 491 -15.90 5.38 -13.48
C PRO A 491 -15.87 5.49 -11.96
N LEU A 492 -15.18 6.51 -11.48
CA LEU A 492 -14.98 6.69 -10.05
C LEU A 492 -16.26 7.10 -9.35
N THR A 493 -16.50 6.53 -8.17
CA THR A 493 -17.63 6.88 -7.33
C THR A 493 -17.20 6.85 -5.87
N TYR A 494 -17.94 7.56 -5.04
CA TYR A 494 -17.76 7.52 -3.59
C TYR A 494 -19.14 7.43 -2.96
N ASP A 495 -19.53 6.24 -2.53
CA ASP A 495 -20.85 5.98 -1.96
C ASP A 495 -21.94 6.33 -2.97
N ASP A 496 -22.72 7.38 -2.68
CA ASP A 496 -23.76 7.84 -3.57
C ASP A 496 -23.32 9.00 -4.46
N TYR A 497 -22.05 9.38 -4.39
CA TYR A 497 -21.53 10.49 -5.19
C TYR A 497 -20.86 9.97 -6.45
N ILE A 498 -21.11 10.65 -7.57
CA ILE A 498 -20.55 10.28 -8.86
C ILE A 498 -19.67 11.43 -9.33
N PHE A 499 -18.39 11.12 -9.59
CA PHE A 499 -17.44 12.12 -10.04
C PHE A 499 -17.74 12.56 -11.47
N PRO A 500 -17.39 13.79 -11.83
CA PRO A 500 -17.49 14.21 -13.24
C PRO A 500 -16.39 13.57 -14.07
N PRO A 501 -16.56 13.49 -15.39
CA PRO A 501 -15.55 12.83 -16.23
C PRO A 501 -14.17 13.48 -16.18
N TRP A 502 -14.08 14.79 -16.01
CA TRP A 502 -12.76 15.41 -15.97
C TRP A 502 -11.95 14.96 -14.76
N ALA A 503 -12.63 14.53 -13.68
CA ALA A 503 -11.92 13.90 -12.57
C ALA A 503 -11.29 12.58 -13.01
N ASN A 504 -12.00 11.80 -13.83
CA ASN A 504 -11.43 10.56 -14.35
C ASN A 504 -10.25 10.86 -15.26
N TRP A 505 -10.34 11.91 -16.08
CA TRP A 505 -9.20 12.29 -16.91
C TRP A 505 -7.99 12.70 -16.07
N VAL A 506 -8.23 13.47 -15.01
CA VAL A 506 -7.16 13.87 -14.11
C VAL A 506 -6.52 12.65 -13.45
N GLY A 507 -7.33 11.69 -12.99
CA GLY A 507 -6.79 10.47 -12.42
C GLY A 507 -5.98 9.63 -13.40
N TRP A 508 -6.45 9.50 -14.64
CA TRP A 508 -5.68 8.80 -15.66
C TRP A 508 -4.37 9.51 -16.00
N GLY A 509 -4.36 10.84 -16.00
CA GLY A 509 -3.12 11.58 -16.18
C GLY A 509 -2.11 11.28 -15.09
N ILE A 510 -2.58 11.25 -13.85
CA ILE A 510 -1.72 10.91 -12.72
C ILE A 510 -1.20 9.48 -12.85
N ALA A 511 -2.06 8.55 -13.27
CA ALA A 511 -1.63 7.17 -13.44
C ALA A 511 -0.56 7.05 -14.54
N LEU A 512 -0.74 7.76 -15.64
CA LEU A 512 0.20 7.71 -16.75
C LEU A 512 1.49 8.47 -16.50
N SER A 513 1.49 9.42 -15.55
CA SER A 513 2.69 10.19 -15.27
C SER A 513 3.86 9.30 -14.85
N SER A 514 3.58 8.23 -14.10
CA SER A 514 4.63 7.29 -13.70
C SER A 514 4.93 6.27 -14.79
N MET A 515 3.90 5.79 -15.49
CA MET A 515 4.08 4.78 -16.53
C MET A 515 4.86 5.29 -17.73
N VAL A 516 4.79 6.59 -18.04
CA VAL A 516 5.47 7.13 -19.21
C VAL A 516 6.99 7.25 -19.00
N LEU A 517 7.46 7.16 -17.75
CA LEU A 517 8.89 7.36 -17.47
C LEU A 517 9.76 6.25 -18.04
N VAL A 518 9.21 5.07 -18.31
CA VAL A 518 10.01 3.94 -18.77
C VAL A 518 10.38 4.10 -20.24
N PRO A 519 9.45 4.35 -21.17
CA PRO A 519 9.86 4.53 -22.57
C PRO A 519 10.72 5.76 -22.80
N ILE A 520 10.65 6.77 -21.93
CA ILE A 520 11.45 7.98 -22.13
C ILE A 520 12.93 7.71 -21.91
N TYR A 521 13.27 6.93 -20.88
CA TYR A 521 14.67 6.66 -20.59
C TYR A 521 15.31 5.80 -21.67
N VAL A 522 14.56 4.87 -22.26
CA VAL A 522 15.08 4.06 -23.35
C VAL A 522 15.44 4.88 -24.57
N ILE A 523 14.67 5.92 -24.86
CA ILE A 523 14.99 6.84 -25.95
C ILE A 523 16.15 7.75 -25.59
N TYR A 524 16.16 8.28 -24.37
CA TYR A 524 17.24 9.17 -23.95
C TYR A 524 18.60 8.46 -23.94
N LYS A 525 18.66 7.26 -23.38
CA LYS A 525 19.91 6.50 -23.36
C LYS A 525 20.35 6.11 -24.76
N PHE A 526 19.40 5.73 -25.62
CA PHE A 526 19.75 5.37 -26.99
C PHE A 526 20.32 6.57 -27.75
N LEU A 527 19.74 7.76 -27.55
CA LEU A 527 20.23 8.93 -28.26
C LEU A 527 21.53 9.46 -27.66
N SER A 528 21.76 9.23 -26.36
CA SER A 528 22.96 9.74 -25.72
C SER A 528 24.21 8.92 -26.07
N THR A 529 24.06 7.67 -26.45
CA THR A 529 25.19 6.81 -26.76
C THR A 529 25.61 6.97 -28.22
N GLN A 530 26.91 7.02 -28.45
CA GLN A 530 27.47 7.14 -29.78
C GLN A 530 27.76 5.77 -30.38
N GLY A 531 27.98 5.76 -31.70
CA GLY A 531 28.26 4.55 -32.43
C GLY A 531 27.08 4.15 -33.30
N SER A 532 27.27 3.05 -34.02
CA SER A 532 26.24 2.54 -34.91
C SER A 532 25.11 1.92 -34.10
N LEU A 533 24.10 1.40 -34.80
CA LEU A 533 22.95 0.80 -34.14
C LEU A 533 23.37 -0.40 -33.28
N TRP A 534 24.28 -1.23 -33.80
CA TRP A 534 24.75 -2.39 -33.07
C TRP A 534 25.41 -2.00 -31.75
N GLU A 535 26.31 -1.01 -31.77
CA GLU A 535 27.01 -0.60 -30.56
C GLU A 535 26.07 0.05 -29.55
N ARG A 536 25.20 0.94 -30.03
CA ARG A 536 24.24 1.58 -29.13
C ARG A 536 23.30 0.58 -28.47
N LEU A 537 22.83 -0.41 -29.23
CA LEU A 537 21.98 -1.45 -28.67
C LEU A 537 22.73 -2.37 -27.71
N ALA A 538 23.99 -2.70 -28.00
CA ALA A 538 24.78 -3.54 -27.12
C ALA A 538 25.15 -2.85 -25.81
N TYR A 539 25.45 -1.56 -25.84
CA TYR A 539 25.85 -0.84 -24.64
C TYR A 539 24.72 -0.68 -23.63
N GLY A 540 23.47 -0.84 -24.04
CA GLY A 540 22.34 -0.63 -23.16
C GLY A 540 21.73 -1.87 -22.55
N ILE A 541 22.23 -3.05 -22.87
CA ILE A 541 21.71 -4.30 -22.33
C ILE A 541 22.81 -5.04 -21.60
N THR A 542 24.03 -4.51 -21.66
CA THR A 542 25.24 -5.04 -21.04
C THR A 542 25.51 -4.35 -19.71
N PRO A 543 25.89 -5.11 -18.67
CA PRO A 543 26.23 -4.49 -17.38
C PRO A 543 27.37 -3.49 -17.51
N GLU A 544 27.32 -2.42 -16.72
CA GLU A 544 28.28 -1.32 -16.83
C GLU A 544 29.71 -1.75 -16.50
N ASN A 545 29.90 -2.80 -15.71
CA ASN A 545 31.24 -3.29 -15.40
C ASN A 545 31.80 -4.21 -16.47
N GLU A 546 30.97 -4.65 -17.42
CA GLU A 546 31.40 -5.51 -18.52
C GLU A 546 31.40 -4.79 -19.86
N HIS A 547 31.47 -3.45 -19.87
CA HIS A 547 31.41 -2.70 -21.10
C HIS A 547 32.65 -2.86 -21.97
N HIS A 548 33.72 -3.47 -21.46
CA HIS A 548 34.92 -3.74 -22.23
C HIS A 548 34.76 -4.95 -23.15
N LEU A 549 33.64 -5.66 -23.02
CA LEU A 549 33.36 -6.83 -23.86
C LEU A 549 32.53 -6.46 -25.09
N VAL A 550 32.15 -5.19 -25.23
CA VAL A 550 31.39 -4.74 -26.38
C VAL A 550 32.25 -4.48 -27.61
N ALA A 551 33.50 -4.05 -27.41
CA ALA A 551 34.43 -3.87 -28.52
C ALA A 551 35.06 -5.17 -28.98
N GLN A 552 34.85 -6.26 -28.24
CA GLN A 552 35.36 -7.58 -28.61
C GLN A 552 34.27 -8.47 -29.19
N ARG A 553 33.04 -7.97 -29.31
CA ARG A 553 31.92 -8.72 -29.88
C ARG A 553 31.65 -9.99 -29.08
N ASP A 554 31.41 -9.81 -27.78
CA ASP A 554 31.19 -10.94 -26.88
C ASP A 554 29.90 -10.75 -26.09
N ILE A 555 28.81 -10.39 -26.76
CA ILE A 555 27.53 -10.13 -26.10
C ILE A 555 26.72 -11.42 -26.07
N ARG A 556 26.31 -11.83 -24.87
CA ARG A 556 25.54 -13.07 -24.71
C ARG A 556 24.10 -12.93 -25.18
N GLN A 557 23.55 -11.72 -25.16
CA GLN A 557 22.16 -11.52 -25.54
C GLN A 557 21.93 -11.61 -27.03
N PHE A 558 22.99 -11.70 -27.84
CA PHE A 558 22.88 -11.88 -29.28
C PHE A 558 22.93 -13.35 -29.67
N GLN A 559 22.59 -14.23 -28.73
CA GLN A 559 22.61 -15.67 -28.97
C GLN A 559 21.27 -16.25 -28.53
N LEU A 560 20.85 -17.33 -29.20
CA LEU A 560 19.56 -17.94 -28.89
C LEU A 560 19.61 -18.72 -27.59
N GLN A 561 20.78 -19.27 -27.23
CA GLN A 561 20.92 -20.08 -26.03
C GLN A 561 20.72 -19.24 -24.77
N HIS A 562 20.87 -17.93 -24.89
CA HIS A 562 20.59 -17.05 -23.77
C HIS A 562 19.10 -16.84 -23.56
N TRP A 563 18.31 -16.83 -24.64
CA TRP A 563 16.87 -16.67 -24.56
C TRP A 563 16.13 -17.98 -24.35
N LEU A 564 16.78 -19.13 -24.58
CA LEU A 564 16.18 -20.43 -24.35
C LEU A 564 16.48 -20.99 -22.97
N ALA A 565 17.15 -20.22 -22.11
CA ALA A 565 17.50 -20.69 -20.78
C ALA A 565 16.30 -20.56 -19.85
N ILE A 566 15.89 -21.66 -19.25
CA ILE A 566 14.74 -21.68 -18.36
C ILE A 566 15.17 -21.49 -16.90
C1 NAG B . -33.73 14.43 6.73
C2 NAG B . -33.74 13.83 5.33
C3 NAG B . -35.13 13.95 4.70
C4 NAG B . -35.83 15.25 5.10
C5 NAG B . -35.87 15.41 6.63
C6 NAG B . -37.26 15.25 7.20
C7 NAG B . -31.90 13.77 3.70
C8 NAG B . -30.94 14.59 2.90
N2 NAG B . -32.73 14.46 4.48
O3 NAG B . -35.93 12.84 5.08
O4 NAG B . -35.16 16.36 4.54
O5 NAG B . -35.04 14.43 7.26
O6 NAG B . -38.26 15.43 6.21
O7 NAG B . -31.93 12.55 3.64
#